data_3UFJ
#
_entry.id   3UFJ
#
_cell.length_a   162.537
_cell.length_b   162.537
_cell.length_c   54.959
_cell.angle_alpha   90.00
_cell.angle_beta   90.00
_cell.angle_gamma   120.00
#
_symmetry.space_group_name_H-M   'P 65'
#
loop_
_entity.id
_entity.type
_entity.pdbx_description
1 polymer 'G/T mismatch-specific thymine DNA glycosylase'
2 polymer "5'-D(*CP*AP*GP*CP*TP*CP*TP*GP*TP*AP*CP*GP*TP*GP*AP*GP*CP*AP*GP*TP*GP*GP*A)-3'"
3 polymer "5'-D(*CP*CP*AP*CP*TP*GP*CP*TP*CP*AP*(UF2)P*GP*TP*AP*CP*AP*GP*AP*GP*CP*TP*GP*T)-3'"
4 water water
#
loop_
_entity_poly.entity_id
_entity_poly.type
_entity_poly.pdbx_seq_one_letter_code
_entity_poly.pdbx_strand_id
1 'polypeptide(L)'
;GSHMASFNGVSEAELLTKTLPDILTFNLDIVIIGINPGLMAAYKGHHYPGPGNHFWKCLFMSGLSEVQLNHMDDHTLPGK
YGIGFTNMVERTTPGSKDLSSKEFREGGRILVQKLQKYQPRIAVFNGKCIYEIFSKEVFGVKVKNLEFGLQPHKIPDTET
LCYVMPSSSARCAQFPRAQDKVHYYIKLKDLRDQLKGIERNMDV
;
A,B
2 'polydeoxyribonucleotide'
;(DC)(DA)(DG)(DC)(DT)(DC)(DT)(DG)(DT)(DA)(DC)(DG)(DT)(DG)(DA)(DG)(DC)(DA)(DG)(DT)
(DG)(DG)(DA)
;
C,E
3 'polydeoxyribonucleotide'
;(DC)(DC)(DA)(DC)(DT)(DG)(DC)(DT)(DC)(DA)(UF2)(DG)(DT)(DA)(DC)(DA)(DG)(DA)(DG)
(DC)(DT)(DG)(DT)
;
D,F
#
# COMPACT_ATOMS: atom_id res chain seq x y z
N LEU A 16 12.86 -5.17 -4.05
CA LEU A 16 12.73 -5.33 -2.57
C LEU A 16 12.19 -4.06 -1.91
N THR A 17 11.17 -4.24 -1.06
CA THR A 17 10.55 -3.12 -0.32
C THR A 17 11.22 -2.73 1.05
N LYS A 18 11.54 -3.68 1.94
CA LYS A 18 11.29 -5.14 1.83
C LYS A 18 10.89 -5.79 3.18
N THR A 19 11.43 -5.27 4.27
CA THR A 19 11.33 -5.96 5.56
C THR A 19 11.23 -4.99 6.72
N LEU A 20 10.39 -5.33 7.67
CA LEU A 20 10.22 -4.56 8.89
C LEU A 20 11.01 -5.24 10.02
N PRO A 21 11.75 -4.44 10.81
CA PRO A 21 12.65 -5.00 11.82
C PRO A 21 11.92 -5.39 13.12
N ASP A 22 12.42 -6.40 13.82
CA ASP A 22 11.85 -6.76 15.11
C ASP A 22 12.37 -5.86 16.19
N ILE A 23 11.48 -5.12 16.82
CA ILE A 23 11.84 -4.45 18.05
C ILE A 23 11.61 -5.45 19.19
N LEU A 24 12.67 -6.04 19.71
CA LEU A 24 12.55 -7.02 20.78
C LEU A 24 13.71 -6.95 21.78
N THR A 25 13.37 -7.06 23.06
CA THR A 25 14.36 -7.08 24.16
C THR A 25 14.10 -8.24 25.13
N PHE A 26 14.99 -8.39 26.11
CA PHE A 26 14.79 -9.38 27.17
C PHE A 26 13.89 -8.82 28.26
N ASN A 27 13.14 -9.71 28.90
CA ASN A 27 12.31 -9.33 30.06
C ASN A 27 11.35 -8.19 29.69
N LEU A 28 10.33 -8.56 28.95
CA LEU A 28 9.43 -7.63 28.32
C LEU A 28 8.04 -7.98 28.77
N ASP A 29 7.20 -6.99 29.03
CA ASP A 29 5.86 -7.29 29.49
C ASP A 29 5.07 -7.87 28.34
N ILE A 30 4.76 -7.03 27.36
CA ILE A 30 3.96 -7.39 26.21
C ILE A 30 4.79 -7.50 24.92
N VAL A 31 4.49 -8.47 24.09
CA VAL A 31 4.95 -8.45 22.71
C VAL A 31 3.77 -8.47 21.72
N ILE A 32 3.69 -7.47 20.83
CA ILE A 32 2.56 -7.43 19.91
C ILE A 32 2.93 -8.25 18.68
N ILE A 33 2.02 -9.07 18.20
CA ILE A 33 2.34 -9.98 17.11
C ILE A 33 1.38 -9.86 15.94
N GLY A 34 1.87 -9.30 14.84
CA GLY A 34 1.06 -9.14 13.62
C GLY A 34 1.21 -10.31 12.67
N ILE A 35 0.34 -10.34 11.67
CA ILE A 35 0.40 -11.35 10.61
C ILE A 35 1.74 -11.16 9.88
N ASN A 36 1.87 -10.06 9.16
CA ASN A 36 3.14 -9.70 8.59
C ASN A 36 3.06 -8.21 8.30
N PRO A 37 4.13 -7.65 7.78
CA PRO A 37 4.14 -6.20 7.60
C PRO A 37 3.44 -5.80 6.31
N GLY A 38 2.59 -4.78 6.42
CA GLY A 38 1.78 -4.33 5.32
C GLY A 38 2.66 -3.52 4.41
N LEU A 39 2.14 -3.24 3.22
CA LEU A 39 2.84 -2.40 2.28
C LEU A 39 3.31 -1.13 2.93
N MET A 40 2.39 -0.39 3.57
CA MET A 40 2.77 0.88 4.21
C MET A 40 3.86 0.63 5.22
N ALA A 41 3.55 -0.22 6.22
CA ALA A 41 4.51 -0.60 7.25
C ALA A 41 5.90 -0.77 6.66
N ALA A 42 6.00 -1.63 5.64
CA ALA A 42 7.27 -1.95 5.01
C ALA A 42 7.93 -0.68 4.45
N TYR A 43 7.14 0.15 3.76
CA TYR A 43 7.67 1.39 3.18
C TYR A 43 8.07 2.37 4.28
N LYS A 44 7.19 2.59 5.25
CA LYS A 44 7.43 3.55 6.32
C LYS A 44 8.54 3.11 7.26
N GLY A 45 8.83 1.81 7.31
CA GLY A 45 9.85 1.24 8.21
C GLY A 45 9.48 1.28 9.69
N HIS A 46 8.18 1.29 9.99
CA HIS A 46 7.67 1.37 11.36
C HIS A 46 6.38 0.62 11.53
N HIS A 47 6.15 0.16 12.77
CA HIS A 47 5.10 -0.79 13.03
C HIS A 47 3.78 -0.11 13.18
N TYR A 48 2.77 -0.75 12.61
CA TYR A 48 1.38 -0.31 12.66
C TYR A 48 1.25 1.17 12.36
N PRO A 49 1.63 1.59 11.13
CA PRO A 49 1.63 3.00 10.76
C PRO A 49 0.22 3.48 10.54
N GLY A 50 -0.18 3.57 9.28
CA GLY A 50 -1.52 4.00 8.92
C GLY A 50 -1.80 5.50 8.75
N PRO A 51 -3.04 5.93 9.12
CA PRO A 51 -4.11 4.95 9.37
C PRO A 51 -4.48 4.25 8.05
N GLY A 52 -5.22 3.13 8.08
CA GLY A 52 -5.91 2.61 9.25
C GLY A 52 -5.25 1.52 10.05
N ASN A 53 -4.85 1.92 11.24
CA ASN A 53 -4.52 1.03 12.31
C ASN A 53 -4.95 1.73 13.56
N HIS A 54 -5.76 1.05 14.35
CA HIS A 54 -6.27 1.60 15.58
C HIS A 54 -5.25 1.42 16.69
N PHE A 55 -4.12 0.79 16.37
CA PHE A 55 -3.19 0.38 17.40
C PHE A 55 -2.74 1.53 18.30
N TRP A 56 -2.14 2.55 17.68
CA TRP A 56 -1.55 3.67 18.43
C TRP A 56 -2.59 4.47 19.17
N LYS A 57 -3.79 4.58 18.59
CA LYS A 57 -4.88 5.24 19.28
C LYS A 57 -5.25 4.43 20.52
N CYS A 58 -5.35 3.12 20.33
CA CYS A 58 -5.77 2.26 21.42
C CYS A 58 -4.71 2.24 22.50
N LEU A 59 -3.43 2.14 22.08
CA LEU A 59 -2.29 2.10 22.99
C LEU A 59 -2.38 3.27 23.94
N PHE A 60 -2.68 4.45 23.39
CA PHE A 60 -2.93 5.64 24.18
C PHE A 60 -4.24 5.50 24.95
N MET A 61 -5.35 5.42 24.23
CA MET A 61 -6.68 5.39 24.85
C MET A 61 -6.78 4.41 26.04
N SER A 62 -6.18 3.23 25.90
CA SER A 62 -6.18 2.17 26.92
C SER A 62 -5.54 2.59 28.24
N GLY A 63 -4.54 3.45 28.15
CA GLY A 63 -3.73 3.77 29.32
C GLY A 63 -2.39 3.07 29.32
N LEU A 64 -2.12 2.32 28.27
CA LEU A 64 -0.82 1.63 28.15
C LEU A 64 0.30 2.58 27.81
N SER A 65 -0.03 3.69 27.15
CA SER A 65 0.92 4.77 26.90
C SER A 65 0.53 6.02 27.68
N GLU A 66 1.52 6.81 28.09
CA GLU A 66 1.28 8.04 28.83
C GLU A 66 0.48 9.02 27.96
N VAL A 67 0.98 9.27 26.75
CA VAL A 67 0.35 10.18 25.80
C VAL A 67 0.16 9.49 24.45
N GLN A 68 -0.38 10.22 23.48
CA GLN A 68 -0.56 9.70 22.12
C GLN A 68 0.78 9.51 21.45
N LEU A 69 0.90 8.45 20.67
CA LEU A 69 2.13 8.14 19.98
C LEU A 69 1.82 7.70 18.56
N ASN A 70 2.86 7.24 17.86
CA ASN A 70 2.72 6.82 16.49
C ASN A 70 3.97 6.06 16.03
N HIS A 71 3.85 5.48 14.84
CA HIS A 71 4.82 4.55 14.33
C HIS A 71 6.23 4.95 14.50
N MET A 72 6.46 6.26 14.64
CA MET A 72 7.82 6.79 14.79
C MET A 72 8.41 6.42 16.14
N ASP A 73 7.51 6.20 17.11
CA ASP A 73 7.90 5.91 18.48
C ASP A 73 8.13 4.43 18.76
N ASP A 74 8.01 3.62 17.70
CA ASP A 74 7.97 2.17 17.88
C ASP A 74 9.21 1.61 18.55
N HIS A 75 10.37 2.16 18.26
CA HIS A 75 11.61 1.63 18.87
C HIS A 75 11.88 2.10 20.26
N THR A 76 11.07 3.01 20.77
CA THR A 76 11.21 3.44 22.17
C THR A 76 10.34 2.62 23.15
N LEU A 77 9.41 1.84 22.59
CA LEU A 77 8.37 1.21 23.38
C LEU A 77 8.93 0.25 24.42
N PRO A 78 9.89 -0.63 24.03
CA PRO A 78 10.49 -1.53 25.04
C PRO A 78 11.16 -0.78 26.20
N GLY A 79 11.90 0.30 25.88
CA GLY A 79 12.60 1.09 26.90
C GLY A 79 11.66 1.79 27.86
N LYS A 80 10.65 2.45 27.32
CA LYS A 80 9.79 3.29 28.11
C LYS A 80 8.63 2.52 28.69
N TYR A 81 7.92 1.77 27.83
CA TYR A 81 6.68 1.07 28.23
C TYR A 81 6.79 -0.47 28.27
N GLY A 82 7.98 -1.01 28.09
CA GLY A 82 8.16 -2.45 28.11
C GLY A 82 7.29 -3.26 27.13
N ILE A 83 7.07 -2.69 25.94
CA ILE A 83 6.34 -3.35 24.86
C ILE A 83 7.27 -3.65 23.69
N GLY A 84 7.10 -4.82 23.06
CA GLY A 84 7.93 -5.22 21.89
C GLY A 84 7.06 -5.30 20.63
N PHE A 85 7.66 -5.67 19.50
CA PHE A 85 6.92 -5.86 18.24
C PHE A 85 7.56 -6.98 17.46
N THR A 86 6.73 -7.73 16.73
CA THR A 86 7.18 -8.71 15.72
C THR A 86 5.98 -9.22 14.92
N ASN A 87 6.21 -10.02 13.86
CA ASN A 87 5.07 -10.62 13.15
C ASN A 87 5.31 -12.10 12.82
N MET A 88 4.24 -12.88 12.63
CA MET A 88 4.35 -14.32 12.31
C MET A 88 5.22 -14.53 11.12
N VAL A 89 4.89 -13.84 10.03
CA VAL A 89 5.59 -13.97 8.76
C VAL A 89 6.33 -12.68 8.43
N GLU A 90 7.60 -12.79 8.02
CA GLU A 90 8.38 -11.57 7.72
C GLU A 90 8.10 -10.98 6.35
N ARG A 91 7.89 -11.83 5.35
CA ARG A 91 7.62 -11.38 3.98
C ARG A 91 6.49 -10.34 3.98
N THR A 92 6.67 -9.27 3.22
CA THR A 92 5.65 -8.22 3.16
C THR A 92 4.68 -8.44 2.00
N THR A 93 3.42 -8.12 2.22
CA THR A 93 2.38 -8.17 1.19
C THR A 93 1.23 -7.24 1.61
N PRO A 94 0.26 -6.98 0.69
CA PRO A 94 -0.93 -6.16 0.90
C PRO A 94 -1.54 -6.16 2.32
N GLY A 95 -2.25 -7.21 2.77
CA GLY A 95 -2.45 -8.48 2.07
C GLY A 95 -2.17 -9.69 2.95
N SER A 96 -3.21 -10.33 3.49
CA SER A 96 -3.02 -11.58 4.25
C SER A 96 -3.53 -12.75 3.46
N LYS A 97 -4.59 -12.53 2.69
CA LYS A 97 -5.10 -13.52 1.76
C LYS A 97 -4.03 -13.86 0.70
N ASP A 98 -2.89 -13.18 0.78
CA ASP A 98 -1.79 -13.35 -0.18
C ASP A 98 -0.70 -14.29 0.32
N LEU A 99 -0.95 -14.93 1.46
CA LEU A 99 0.11 -15.71 2.13
C LEU A 99 -0.10 -17.21 2.06
N SER A 100 0.99 -17.94 1.79
CA SER A 100 0.94 -19.40 1.70
C SER A 100 0.68 -20.03 3.06
N SER A 101 -0.12 -21.09 3.05
CA SER A 101 -0.39 -21.90 4.25
C SER A 101 0.93 -22.35 4.89
N LYS A 102 1.88 -22.73 4.03
CA LYS A 102 3.19 -23.22 4.47
C LYS A 102 4.03 -22.11 5.10
N GLU A 103 3.80 -20.88 4.66
CA GLU A 103 4.56 -19.75 5.17
C GLU A 103 4.24 -19.50 6.63
N PHE A 104 2.95 -19.49 6.96
CA PHE A 104 2.48 -19.42 8.33
C PHE A 104 3.16 -20.46 9.24
N ARG A 105 3.10 -21.74 8.86
CA ARG A 105 3.73 -22.81 9.62
C ARG A 105 5.20 -22.49 9.89
N GLU A 106 5.94 -22.08 8.86
CA GLU A 106 7.35 -21.72 9.06
C GLU A 106 7.51 -20.50 9.97
N GLY A 107 6.47 -19.65 9.99
CA GLY A 107 6.49 -18.44 10.80
C GLY A 107 6.39 -18.75 12.27
N GLY A 108 5.32 -19.43 12.64
CA GLY A 108 5.05 -19.82 14.02
C GLY A 108 6.24 -20.55 14.61
N ARG A 109 6.83 -21.43 13.80
CA ARG A 109 8.04 -22.13 14.18
C ARG A 109 9.09 -21.11 14.56
N ILE A 110 9.35 -20.18 13.64
CA ILE A 110 10.34 -19.12 13.85
C ILE A 110 9.95 -18.29 15.06
N LEU A 111 8.68 -17.93 15.14
CA LEU A 111 8.17 -17.10 16.23
C LEU A 111 8.43 -17.79 17.58
N VAL A 112 7.73 -18.89 17.86
CA VAL A 112 7.93 -19.65 19.08
C VAL A 112 9.37 -19.48 19.54
N GLN A 113 10.31 -19.76 18.65
CA GLN A 113 11.73 -19.60 18.95
C GLN A 113 12.00 -18.24 19.58
N LYS A 114 11.79 -17.20 18.79
CA LYS A 114 11.93 -15.84 19.32
C LYS A 114 11.44 -15.72 20.75
N LEU A 115 10.22 -16.20 21.01
CA LEU A 115 9.63 -16.04 22.35
C LEU A 115 10.37 -16.85 23.40
N GLN A 116 10.75 -18.07 23.03
CA GLN A 116 11.59 -18.89 23.89
C GLN A 116 12.90 -18.21 24.21
N LYS A 117 13.30 -17.26 23.37
CA LYS A 117 14.58 -16.53 23.55
C LYS A 117 14.37 -15.29 24.44
N TYR A 118 13.37 -14.47 24.13
CA TYR A 118 13.15 -13.19 24.81
C TYR A 118 12.25 -13.30 26.06
N GLN A 119 11.56 -14.43 26.15
CA GLN A 119 10.63 -14.72 27.23
C GLN A 119 9.87 -13.47 27.71
N PRO A 120 9.02 -12.90 26.83
CA PRO A 120 8.17 -11.80 27.28
C PRO A 120 7.12 -12.37 28.21
N ARG A 121 6.52 -11.53 29.05
CA ARG A 121 5.52 -12.04 29.96
C ARG A 121 4.30 -12.53 29.18
N ILE A 122 3.81 -11.70 28.24
CA ILE A 122 2.62 -11.98 27.44
C ILE A 122 2.86 -11.86 25.93
N ALA A 123 2.43 -12.85 25.16
CA ALA A 123 2.42 -12.68 23.72
C ALA A 123 1.02 -12.27 23.25
N VAL A 124 0.91 -11.07 22.70
CA VAL A 124 -0.36 -10.57 22.22
C VAL A 124 -0.52 -10.85 20.75
N PHE A 125 -1.66 -11.42 20.36
CA PHE A 125 -1.83 -11.80 18.99
C PHE A 125 -2.79 -10.84 18.37
N ASN A 126 -2.32 -10.13 17.36
CA ASN A 126 -3.17 -9.18 16.70
C ASN A 126 -4.09 -9.95 15.77
N GLY A 127 -5.33 -10.15 16.21
CA GLY A 127 -6.32 -10.79 15.36
C GLY A 127 -6.39 -12.30 15.48
N LYS A 128 -7.62 -12.81 15.47
CA LYS A 128 -7.86 -14.22 15.69
C LYS A 128 -7.16 -15.11 14.67
N CYS A 129 -7.22 -14.76 13.38
CA CYS A 129 -6.66 -15.61 12.33
CA CYS A 129 -6.65 -15.62 12.34
C CYS A 129 -5.28 -16.12 12.74
N ILE A 130 -4.42 -15.20 13.13
CA ILE A 130 -3.01 -15.50 13.38
C ILE A 130 -2.84 -16.51 14.53
N TYR A 131 -3.75 -16.49 15.50
CA TYR A 131 -3.67 -17.44 16.61
C TYR A 131 -4.30 -18.79 16.24
N GLU A 132 -5.48 -18.74 15.61
CA GLU A 132 -6.12 -19.94 15.09
C GLU A 132 -5.07 -20.84 14.39
N ILE A 133 -4.24 -20.23 13.54
CA ILE A 133 -3.14 -20.96 12.91
C ILE A 133 -2.09 -21.38 13.95
N PHE A 134 -1.59 -20.40 14.71
CA PHE A 134 -0.53 -20.62 15.70
C PHE A 134 -0.85 -21.78 16.63
N SER A 135 -2.12 -21.87 17.07
CA SER A 135 -2.56 -23.00 17.91
C SER A 135 -2.49 -24.32 17.14
N LYS A 136 -3.13 -24.34 15.96
CA LYS A 136 -3.15 -25.51 15.08
C LYS A 136 -1.76 -26.01 14.70
N GLU A 137 -0.74 -25.16 14.88
CA GLU A 137 0.63 -25.43 14.40
C GLU A 137 1.68 -25.54 15.50
N VAL A 138 1.47 -24.84 16.61
CA VAL A 138 2.40 -24.94 17.75
C VAL A 138 1.87 -25.89 18.81
N PHE A 139 0.54 -25.96 18.95
CA PHE A 139 -0.09 -26.87 19.91
C PHE A 139 -0.81 -28.04 19.21
N GLY A 140 -1.06 -27.88 17.90
CA GLY A 140 -1.89 -28.84 17.16
C GLY A 140 -3.28 -28.96 17.79
N VAL A 141 -4.00 -27.82 17.84
CA VAL A 141 -5.38 -27.76 18.34
C VAL A 141 -6.18 -26.66 17.62
N LYS A 142 -7.28 -27.04 16.97
CA LYS A 142 -8.11 -26.07 16.25
C LYS A 142 -9.19 -25.52 17.19
N VAL A 143 -8.99 -24.31 17.71
CA VAL A 143 -9.83 -23.80 18.82
C VAL A 143 -11.32 -23.68 18.48
N LYS A 144 -12.14 -24.25 19.35
CA LYS A 144 -13.60 -24.13 19.21
C LYS A 144 -14.08 -22.71 19.53
N ASN A 145 -14.98 -22.20 18.69
CA ASN A 145 -15.57 -20.88 18.91
C ASN A 145 -14.66 -19.96 19.75
N LEU A 146 -13.55 -19.54 19.14
CA LEU A 146 -12.51 -18.75 19.79
C LEU A 146 -13.02 -17.39 20.24
N GLU A 147 -12.66 -17.04 21.47
CA GLU A 147 -12.97 -15.70 21.95
C GLU A 147 -11.69 -14.93 22.27
N PHE A 148 -11.79 -13.62 22.20
CA PHE A 148 -10.67 -12.77 22.55
C PHE A 148 -10.35 -12.89 24.03
N GLY A 149 -9.08 -12.65 24.35
CA GLY A 149 -8.62 -12.60 25.73
C GLY A 149 -7.60 -13.65 25.99
N LEU A 150 -7.47 -14.04 27.24
CA LEU A 150 -6.45 -15.01 27.63
C LEU A 150 -6.68 -16.37 26.99
N GLN A 151 -5.59 -17.06 26.71
CA GLN A 151 -5.68 -18.41 26.21
C GLN A 151 -5.06 -19.38 27.21
N PRO A 152 -5.52 -20.64 27.20
CA PRO A 152 -5.11 -21.63 28.22
C PRO A 152 -3.63 -21.91 28.22
N HIS A 153 -3.10 -22.31 27.06
CA HIS A 153 -1.75 -22.86 26.98
C HIS A 153 -0.71 -21.78 26.94
N LYS A 154 0.43 -22.05 27.55
CA LYS A 154 1.57 -21.14 27.54
C LYS A 154 2.55 -21.45 26.40
N ILE A 155 3.50 -20.54 26.14
CA ILE A 155 4.51 -20.73 25.10
C ILE A 155 5.48 -21.80 25.57
N PRO A 156 5.66 -22.88 24.76
CA PRO A 156 6.44 -24.06 25.17
C PRO A 156 7.78 -23.71 25.82
N ASP A 157 8.03 -24.27 26.99
CA ASP A 157 9.26 -23.99 27.74
C ASP A 157 9.34 -22.55 28.27
N THR A 158 8.19 -21.93 28.45
CA THR A 158 8.16 -20.56 28.91
C THR A 158 6.96 -20.29 29.77
N GLU A 159 7.07 -19.21 30.53
CA GLU A 159 5.96 -18.73 31.33
C GLU A 159 5.14 -17.70 30.56
N THR A 160 5.30 -17.65 29.23
CA THR A 160 4.69 -16.60 28.44
C THR A 160 3.23 -16.92 28.12
N LEU A 161 2.31 -16.07 28.57
CA LEU A 161 0.90 -16.30 28.28
C LEU A 161 0.53 -15.82 26.89
N CYS A 162 -0.59 -16.33 26.37
CA CYS A 162 -1.07 -15.98 25.05
C CYS A 162 -2.37 -15.30 25.21
N TYR A 163 -2.48 -14.12 24.61
CA TYR A 163 -3.64 -13.27 24.76
C TYR A 163 -4.03 -12.85 23.38
N VAL A 164 -5.29 -13.02 23.01
CA VAL A 164 -5.70 -12.72 21.64
C VAL A 164 -6.51 -11.42 21.54
N MET A 165 -6.01 -10.46 20.77
CA MET A 165 -6.70 -9.19 20.52
C MET A 165 -7.33 -9.18 19.14
N PRO A 166 -8.44 -8.44 18.98
CA PRO A 166 -8.95 -8.26 17.61
C PRO A 166 -8.00 -7.41 16.82
N SER A 167 -7.77 -7.80 15.57
CA SER A 167 -6.78 -7.13 14.71
C SER A 167 -6.88 -5.62 14.75
N SER A 168 -5.76 -4.97 15.06
CA SER A 168 -5.69 -3.51 15.13
C SER A 168 -5.93 -2.92 13.77
N SER A 169 -5.63 -3.69 12.73
CA SER A 169 -5.86 -3.29 11.36
C SER A 169 -7.29 -2.79 11.20
N ALA A 170 -7.61 -2.37 9.98
CA ALA A 170 -8.92 -1.83 9.72
C ALA A 170 -9.54 -2.43 8.44
N ARG A 171 -9.61 -3.76 8.44
CA ARG A 171 -10.34 -4.50 7.44
C ARG A 171 -11.43 -5.23 8.19
N CYS A 172 -11.40 -5.04 9.51
CA CYS A 172 -12.24 -5.74 10.47
C CYS A 172 -13.46 -4.91 10.83
N ALA A 173 -14.65 -5.43 10.53
CA ALA A 173 -15.90 -4.69 10.76
C ALA A 173 -16.54 -4.97 12.11
N GLN A 174 -16.10 -6.03 12.78
CA GLN A 174 -16.61 -6.29 14.13
C GLN A 174 -16.05 -5.21 15.07
N PHE A 175 -14.82 -4.79 14.77
CA PHE A 175 -14.22 -3.63 15.42
C PHE A 175 -14.09 -2.49 14.40
N PRO A 176 -15.23 -1.91 13.96
CA PRO A 176 -15.18 -0.94 12.87
C PRO A 176 -14.44 0.34 13.21
N ARG A 177 -14.70 0.88 14.41
CA ARG A 177 -14.00 2.04 14.92
C ARG A 177 -12.87 1.57 15.83
N ALA A 178 -11.95 2.49 16.14
CA ALA A 178 -10.91 2.23 17.13
C ALA A 178 -11.49 2.23 18.54
N GLN A 179 -12.64 2.87 18.73
CA GLN A 179 -13.34 2.88 20.01
C GLN A 179 -13.86 1.49 20.39
N ASP A 180 -14.15 0.69 19.38
CA ASP A 180 -14.69 -0.66 19.55
C ASP A 180 -13.67 -1.65 20.11
N LYS A 181 -12.39 -1.43 19.79
CA LYS A 181 -11.32 -2.35 20.14
C LYS A 181 -10.58 -2.02 21.43
N VAL A 182 -10.98 -0.97 22.14
CA VAL A 182 -10.23 -0.46 23.31
C VAL A 182 -10.22 -1.43 24.49
N HIS A 183 -11.36 -2.04 24.75
CA HIS A 183 -11.55 -2.95 25.88
C HIS A 183 -10.38 -3.85 26.13
N TYR A 184 -10.10 -4.72 25.16
CA TYR A 184 -9.02 -5.70 25.25
C TYR A 184 -7.64 -5.13 25.59
N TYR A 185 -7.41 -3.85 25.26
CA TYR A 185 -6.19 -3.17 25.71
C TYR A 185 -6.30 -2.81 27.20
N ILE A 186 -7.45 -2.29 27.63
CA ILE A 186 -7.63 -2.06 29.06
C ILE A 186 -7.34 -3.38 29.77
N LYS A 187 -8.09 -4.41 29.39
CA LYS A 187 -7.95 -5.76 29.96
C LYS A 187 -6.50 -6.24 29.85
N LEU A 188 -5.86 -5.95 28.72
CA LEU A 188 -4.47 -6.32 28.60
C LEU A 188 -3.66 -5.68 29.71
N LYS A 189 -3.78 -4.36 29.84
CA LYS A 189 -3.10 -3.65 30.92
C LYS A 189 -3.29 -4.36 32.27
N ASP A 190 -4.55 -4.58 32.66
CA ASP A 190 -4.86 -5.21 33.93
C ASP A 190 -4.10 -6.50 34.11
N LEU A 191 -4.21 -7.38 33.11
CA LEU A 191 -3.50 -8.65 33.13
C LEU A 191 -2.00 -8.49 33.45
N ARG A 192 -1.33 -7.57 32.75
CA ARG A 192 0.10 -7.38 32.97
C ARG A 192 0.39 -6.89 34.40
N ASP A 193 -0.42 -5.94 34.85
CA ASP A 193 -0.34 -5.44 36.21
C ASP A 193 -0.51 -6.58 37.21
N GLN A 194 -1.58 -7.36 37.07
CA GLN A 194 -1.72 -8.60 37.86
C GLN A 194 -0.42 -9.39 37.87
N LEU A 195 0.19 -9.55 36.70
CA LEU A 195 1.39 -10.38 36.60
C LEU A 195 2.57 -9.74 37.29
N LYS A 196 2.67 -8.41 37.21
CA LYS A 196 3.70 -7.67 37.94
C LYS A 196 3.43 -7.66 39.47
N GLY A 197 2.17 -7.48 39.86
CA GLY A 197 1.76 -7.65 41.26
C GLY A 197 2.43 -8.86 41.93
N ILE A 198 2.25 -10.05 41.36
CA ILE A 198 2.81 -11.29 41.93
C ILE A 198 4.35 -11.27 42.03
N GLU A 199 4.97 -10.23 41.49
CA GLU A 199 6.41 -10.00 41.70
C GLU A 199 6.74 -9.45 43.10
N ARG A 200 6.17 -10.10 44.13
CA ARG A 200 6.37 -9.76 45.56
C ARG A 200 5.37 -10.47 46.48
N THR B 19 12.13 1.80 -9.18
CA THR B 19 11.02 0.91 -8.73
C THR B 19 10.24 0.15 -9.88
N LEU B 20 9.26 0.83 -10.52
CA LEU B 20 8.40 0.28 -11.62
C LEU B 20 8.98 0.56 -13.01
N PRO B 21 9.03 -0.46 -13.88
CA PRO B 21 9.70 -0.33 -15.20
C PRO B 21 8.89 0.41 -16.28
N ASP B 22 9.57 1.14 -17.16
CA ASP B 22 8.91 1.81 -18.28
C ASP B 22 8.63 0.86 -19.40
N ILE B 23 7.35 0.55 -19.60
CA ILE B 23 6.94 -0.10 -20.84
C ILE B 23 6.89 0.95 -21.96
N LEU B 24 7.92 0.99 -22.80
CA LEU B 24 7.99 1.96 -23.88
C LEU B 24 8.63 1.41 -25.16
N THR B 25 8.04 1.76 -26.29
CA THR B 25 8.55 1.39 -27.62
C THR B 25 8.57 2.61 -28.56
N PHE B 26 9.16 2.41 -29.74
CA PHE B 26 9.14 3.43 -30.79
C PHE B 26 7.81 3.40 -31.58
N ASN B 27 7.43 4.56 -32.12
CA ASN B 27 6.23 4.66 -32.94
C ASN B 27 5.02 4.05 -32.23
N LEU B 28 4.51 4.79 -31.25
CA LEU B 28 3.47 4.34 -30.36
C LEU B 28 2.32 5.33 -30.46
N ASP B 29 1.08 4.84 -30.40
CA ASP B 29 -0.06 5.75 -30.39
C ASP B 29 -0.12 6.55 -29.10
N ILE B 30 -0.57 5.91 -28.02
CA ILE B 30 -0.75 6.57 -26.74
C ILE B 30 0.35 6.20 -25.73
N VAL B 31 0.77 7.17 -24.94
CA VAL B 31 1.59 6.90 -23.75
C VAL B 31 0.87 7.40 -22.49
N ILE B 32 0.59 6.50 -21.55
CA ILE B 32 -0.07 6.90 -20.32
C ILE B 32 1.01 7.39 -19.38
N ILE B 33 0.71 8.40 -18.59
CA ILE B 33 1.77 9.04 -17.79
C ILE B 33 1.23 9.37 -16.41
N GLY B 34 1.68 8.59 -15.44
CA GLY B 34 1.27 8.78 -14.04
C GLY B 34 2.15 9.74 -13.28
N ILE B 35 1.71 10.10 -12.09
CA ILE B 35 2.52 10.91 -11.20
C ILE B 35 3.76 10.07 -10.83
N ASN B 36 3.55 9.01 -10.03
CA ASN B 36 4.63 8.08 -9.66
C ASN B 36 4.04 6.76 -9.22
N PRO B 37 4.85 5.67 -9.22
CA PRO B 37 4.23 4.39 -8.92
C PRO B 37 3.74 4.32 -7.49
N GLY B 38 2.54 3.79 -7.31
CA GLY B 38 1.95 3.64 -5.98
C GLY B 38 2.61 2.48 -5.27
N LEU B 39 2.41 2.41 -3.96
CA LEU B 39 2.94 1.32 -3.16
C LEU B 39 2.57 0.01 -3.76
N MET B 40 1.29 -0.17 -4.09
CA MET B 40 0.86 -1.43 -4.70
C MET B 40 1.63 -1.65 -6.01
N ALA B 41 1.48 -0.72 -6.93
CA ALA B 41 2.15 -0.78 -8.21
C ALA B 41 3.56 -1.31 -8.02
N ALA B 42 4.33 -0.60 -7.19
CA ALA B 42 5.72 -0.95 -6.93
C ALA B 42 5.84 -2.41 -6.47
N TYR B 43 5.03 -2.81 -5.49
CA TYR B 43 5.02 -4.18 -5.01
C TYR B 43 4.62 -5.19 -6.11
N LYS B 44 3.52 -4.91 -6.81
CA LYS B 44 2.99 -5.83 -7.79
C LYS B 44 3.87 -5.92 -9.05
N GLY B 45 4.73 -4.93 -9.27
CA GLY B 45 5.58 -4.86 -10.48
C GLY B 45 4.83 -4.60 -11.80
N HIS B 46 3.63 -4.00 -11.72
CA HIS B 46 2.78 -3.73 -12.89
C HIS B 46 1.99 -2.47 -12.75
N HIS B 47 1.65 -1.88 -13.90
CA HIS B 47 1.09 -0.55 -13.94
C HIS B 47 -0.39 -0.53 -13.68
N TYR B 48 -0.80 0.45 -12.88
CA TYR B 48 -2.19 0.66 -12.50
C TYR B 48 -2.87 -0.63 -12.07
N PRO B 49 -2.39 -1.23 -10.95
CA PRO B 49 -2.93 -2.49 -10.46
C PRO B 49 -4.30 -2.27 -9.83
N GLY B 50 -4.37 -2.19 -8.50
CA GLY B 50 -5.63 -2.01 -7.80
C GLY B 50 -6.37 -3.32 -7.52
N PRO B 51 -7.50 -3.58 -8.20
CA PRO B 51 -8.10 -2.75 -9.24
C PRO B 51 -9.09 -1.70 -8.71
N GLY B 52 -8.65 -0.95 -7.70
CA GLY B 52 -9.29 0.29 -7.34
C GLY B 52 -9.09 1.28 -8.47
N ASN B 53 -7.82 1.56 -8.80
CA ASN B 53 -7.51 2.35 -9.98
C ASN B 53 -8.37 1.90 -11.17
N HIS B 54 -9.10 2.85 -11.73
CA HIS B 54 -10.16 2.58 -12.70
C HIS B 54 -9.63 2.37 -14.09
N PHE B 55 -8.30 2.34 -14.23
CA PHE B 55 -7.70 2.37 -15.56
C PHE B 55 -8.22 1.25 -16.46
N TRP B 56 -7.95 0.00 -16.08
CA TRP B 56 -8.19 -1.15 -16.94
C TRP B 56 -9.63 -1.30 -17.33
N LYS B 57 -10.52 -1.02 -16.39
CA LYS B 57 -11.95 -1.04 -16.69
C LYS B 57 -12.28 -0.04 -17.82
N CYS B 58 -11.79 1.19 -17.67
CA CYS B 58 -11.96 2.23 -18.70
C CYS B 58 -11.34 1.84 -20.04
N LEU B 59 -10.10 1.36 -20.01
CA LEU B 59 -9.41 0.88 -21.19
C LEU B 59 -10.28 -0.17 -21.89
N PHE B 60 -10.90 -1.04 -21.09
CA PHE B 60 -11.86 -1.97 -21.64
C PHE B 60 -13.02 -1.18 -22.21
N MET B 61 -13.92 -0.76 -21.32
CA MET B 61 -15.16 -0.05 -21.69
C MET B 61 -15.04 0.86 -22.92
N SER B 62 -13.93 1.61 -23.00
CA SER B 62 -13.70 2.62 -24.03
C SER B 62 -13.71 2.04 -25.43
N GLY B 63 -13.32 0.78 -25.55
CA GLY B 63 -13.12 0.15 -26.84
C GLY B 63 -11.67 0.27 -27.26
N LEU B 64 -10.81 0.73 -26.36
CA LEU B 64 -9.36 0.79 -26.61
C LEU B 64 -8.73 -0.61 -26.46
N SER B 65 -9.38 -1.48 -25.68
CA SER B 65 -9.00 -2.89 -25.55
C SER B 65 -10.10 -3.81 -26.10
N GLU B 66 -9.72 -4.97 -26.65
CA GLU B 66 -10.72 -5.92 -27.16
C GLU B 66 -11.61 -6.49 -26.04
N VAL B 67 -10.98 -7.09 -25.03
CA VAL B 67 -11.68 -7.59 -23.85
C VAL B 67 -11.24 -6.83 -22.60
N GLN B 68 -11.73 -7.27 -21.45
CA GLN B 68 -11.30 -6.74 -20.15
C GLN B 68 -9.87 -7.19 -19.88
N LEU B 69 -9.03 -6.31 -19.34
CA LEU B 69 -7.66 -6.71 -19.02
C LEU B 69 -7.28 -6.30 -17.60
N ASN B 70 -6.00 -6.46 -17.29
CA ASN B 70 -5.48 -6.10 -15.98
C ASN B 70 -3.95 -5.97 -15.99
N HIS B 71 -3.37 -5.59 -14.85
CA HIS B 71 -1.97 -5.19 -14.76
C HIS B 71 -1.03 -6.23 -15.26
N MET B 72 -1.49 -7.48 -15.25
CA MET B 72 -0.70 -8.62 -15.70
C MET B 72 -0.56 -8.62 -17.21
N ASP B 73 -1.53 -8.02 -17.89
CA ASP B 73 -1.51 -7.91 -19.34
C ASP B 73 -0.75 -6.66 -19.78
N ASP B 74 -0.18 -5.92 -18.82
CA ASP B 74 0.42 -4.62 -19.09
C ASP B 74 1.55 -4.64 -20.10
N HIS B 75 2.36 -5.69 -20.08
CA HIS B 75 3.50 -5.82 -21.01
C HIS B 75 3.10 -6.09 -22.45
N THR B 76 1.84 -6.51 -22.64
CA THR B 76 1.28 -6.80 -23.96
C THR B 76 0.69 -5.55 -24.67
N LEU B 77 0.44 -4.48 -23.91
CA LEU B 77 -0.34 -3.34 -24.39
C LEU B 77 0.26 -2.66 -25.63
N PRO B 78 1.58 -2.35 -25.63
CA PRO B 78 2.15 -1.66 -26.82
C PRO B 78 2.12 -2.51 -28.06
N GLY B 79 2.46 -3.79 -27.93
CA GLY B 79 2.46 -4.71 -29.06
C GLY B 79 1.06 -4.85 -29.65
N LYS B 80 0.07 -5.15 -28.82
CA LYS B 80 -1.26 -5.47 -29.30
C LYS B 80 -2.12 -4.21 -29.52
N TYR B 81 -2.15 -3.32 -28.54
CA TYR B 81 -3.01 -2.12 -28.62
C TYR B 81 -2.24 -0.79 -28.77
N GLY B 82 -0.94 -0.87 -29.02
CA GLY B 82 -0.09 0.31 -29.20
C GLY B 82 -0.12 1.38 -28.11
N ILE B 83 -0.05 0.94 -26.84
CA ILE B 83 -0.04 1.87 -25.71
C ILE B 83 1.16 1.62 -24.81
N GLY B 84 1.85 2.71 -24.42
CA GLY B 84 2.97 2.61 -23.48
C GLY B 84 2.58 3.10 -22.08
N PHE B 85 3.51 2.96 -21.13
CA PHE B 85 3.31 3.37 -19.74
C PHE B 85 4.57 4.01 -19.16
N THR B 86 4.40 5.03 -18.32
CA THR B 86 5.50 5.67 -17.55
C THR B 86 4.99 6.70 -16.51
N ASN B 87 5.91 7.37 -15.81
CA ASN B 87 5.52 8.42 -14.82
C ASN B 87 6.50 9.59 -14.77
N MET B 88 6.06 10.71 -14.18
CA MET B 88 6.89 11.89 -13.94
C MET B 88 8.08 11.52 -13.11
N VAL B 89 7.81 11.00 -11.90
CA VAL B 89 8.89 10.57 -11.00
C VAL B 89 8.84 9.04 -10.82
N GLU B 90 9.99 8.40 -10.89
CA GLU B 90 10.02 6.93 -10.80
C GLU B 90 10.01 6.47 -9.34
N ARG B 91 10.52 7.31 -8.44
CA ARG B 91 10.49 7.04 -7.01
C ARG B 91 9.08 6.61 -6.64
N THR B 92 8.96 5.55 -5.86
CA THR B 92 7.65 5.13 -5.38
C THR B 92 7.34 5.74 -4.01
N THR B 93 6.07 6.13 -3.80
CA THR B 93 5.55 6.61 -2.53
C THR B 93 4.02 6.37 -2.47
N PRO B 94 3.38 6.59 -1.29
CA PRO B 94 1.95 6.35 -1.06
C PRO B 94 1.02 6.59 -2.26
N GLY B 95 0.71 7.83 -2.65
CA GLY B 95 1.16 9.07 -2.02
C GLY B 95 1.67 10.07 -3.04
N SER B 96 0.88 11.12 -3.31
CA SER B 96 1.34 12.24 -4.15
C SER B 96 1.72 13.43 -3.28
N LYS B 97 0.92 13.68 -2.24
CA LYS B 97 1.20 14.69 -1.22
C LYS B 97 2.53 14.41 -0.52
N ASP B 98 3.17 13.33 -0.89
CA ASP B 98 4.45 12.94 -0.31
C ASP B 98 5.62 13.32 -1.19
N LEU B 99 5.38 14.15 -2.20
CA LEU B 99 6.39 14.31 -3.26
C LEU B 99 7.45 15.43 -3.16
N SER B 100 7.05 16.69 -3.22
CA SER B 100 7.97 17.83 -3.11
C SER B 100 7.65 18.94 -4.11
N SER B 101 8.63 19.22 -4.97
CA SER B 101 8.52 20.17 -6.07
C SER B 101 9.77 19.96 -6.88
N LYS B 102 10.90 20.34 -6.29
CA LYS B 102 12.20 20.08 -6.88
C LYS B 102 12.13 18.80 -7.70
N GLU B 103 11.61 17.76 -7.05
CA GLU B 103 11.49 16.44 -7.64
C GLU B 103 10.74 16.43 -8.96
N PHE B 104 9.56 17.06 -8.97
CA PHE B 104 8.72 17.16 -10.17
C PHE B 104 9.47 17.77 -11.36
N ARG B 105 10.06 18.94 -11.12
CA ARG B 105 10.75 19.67 -12.15
C ARG B 105 11.84 18.80 -12.77
N GLU B 106 12.61 18.10 -11.93
CA GLU B 106 13.62 17.16 -12.41
C GLU B 106 13.02 15.98 -13.18
N GLY B 107 11.79 15.62 -12.79
CA GLY B 107 11.06 14.51 -13.41
C GLY B 107 10.64 14.85 -14.82
N GLY B 108 9.98 15.99 -14.98
CA GLY B 108 9.52 16.46 -16.28
C GLY B 108 10.67 16.53 -17.26
N ARG B 109 11.80 17.01 -16.75
CA ARG B 109 13.05 17.04 -17.49
C ARG B 109 13.41 15.61 -17.98
N ILE B 110 13.42 14.65 -17.04
CA ILE B 110 13.71 13.25 -17.38
C ILE B 110 12.65 12.69 -18.33
N LEU B 111 11.38 13.05 -18.06
CA LEU B 111 10.26 12.69 -18.93
C LEU B 111 10.52 13.26 -20.33
N VAL B 112 10.44 14.59 -20.46
CA VAL B 112 10.54 15.20 -21.78
C VAL B 112 11.54 14.41 -22.65
N GLN B 113 12.73 14.15 -22.09
CA GLN B 113 13.81 13.47 -22.79
C GLN B 113 13.36 12.10 -23.32
N LYS B 114 12.89 11.22 -22.43
CA LYS B 114 12.38 9.91 -22.83
C LYS B 114 11.39 10.04 -24.01
N LEU B 115 10.44 10.97 -23.90
CA LEU B 115 9.42 11.18 -24.94
C LEU B 115 10.03 11.76 -26.23
N GLN B 116 11.05 12.61 -26.08
CA GLN B 116 11.84 13.09 -27.23
C GLN B 116 12.61 11.93 -27.86
N LYS B 117 12.71 10.82 -27.14
CA LYS B 117 13.38 9.65 -27.68
C LYS B 117 12.38 8.75 -28.43
N TYR B 118 11.30 8.36 -27.77
CA TYR B 118 10.36 7.41 -28.34
C TYR B 118 9.30 8.06 -29.24
N GLN B 119 9.19 9.40 -29.12
CA GLN B 119 8.19 10.23 -29.83
C GLN B 119 6.91 9.48 -30.13
N PRO B 120 6.08 9.24 -29.10
CA PRO B 120 4.78 8.61 -29.34
C PRO B 120 3.86 9.63 -29.96
N ARG B 121 2.70 9.20 -30.42
CA ARG B 121 1.79 10.12 -31.07
C ARG B 121 1.24 11.12 -30.04
N ILE B 122 0.73 10.57 -28.93
CA ILE B 122 0.03 11.35 -27.93
C ILE B 122 0.57 11.04 -26.54
N ALA B 123 1.04 12.07 -25.85
CA ALA B 123 1.37 11.95 -24.42
C ALA B 123 0.12 12.17 -23.57
N VAL B 124 -0.33 11.14 -22.86
CA VAL B 124 -1.53 11.26 -22.02
C VAL B 124 -1.17 11.51 -20.57
N PHE B 125 -1.73 12.56 -19.98
CA PHE B 125 -1.44 12.85 -18.57
C PHE B 125 -2.55 12.37 -17.70
N ASN B 126 -2.19 11.45 -16.82
CA ASN B 126 -3.16 10.89 -15.93
C ASN B 126 -3.42 11.91 -14.83
N GLY B 127 -4.53 12.64 -14.92
CA GLY B 127 -4.91 13.62 -13.90
C GLY B 127 -4.32 15.02 -14.07
N LYS B 128 -5.16 16.02 -13.81
CA LYS B 128 -4.79 17.42 -14.06
C LYS B 128 -3.52 17.83 -13.34
N CYS B 129 -3.44 17.51 -12.05
CA CYS B 129 -2.26 17.79 -11.24
C CYS B 129 -0.96 17.67 -12.01
N ILE B 130 -0.73 16.51 -12.58
CA ILE B 130 0.55 16.22 -13.24
C ILE B 130 0.85 17.21 -14.39
N TYR B 131 -0.19 17.59 -15.13
CA TYR B 131 -0.03 18.54 -16.23
C TYR B 131 0.12 19.98 -15.74
N GLU B 132 -0.74 20.42 -14.82
CA GLU B 132 -0.53 21.69 -14.14
C GLU B 132 0.97 21.96 -14.03
N ILE B 133 1.63 21.20 -13.16
CA ILE B 133 3.07 21.28 -12.97
C ILE B 133 3.78 21.28 -14.32
N PHE B 134 3.56 20.23 -15.12
CA PHE B 134 4.28 20.03 -16.38
C PHE B 134 4.25 21.24 -17.29
N SER B 135 3.09 21.91 -17.36
CA SER B 135 2.93 23.14 -18.12
C SER B 135 3.81 24.25 -17.54
N LYS B 136 3.60 24.56 -16.27
CA LYS B 136 4.38 25.58 -15.55
C LYS B 136 5.90 25.34 -15.57
N GLU B 137 6.32 24.11 -15.86
CA GLU B 137 7.73 23.75 -15.84
C GLU B 137 8.33 23.53 -17.24
N VAL B 138 7.58 22.87 -18.11
CA VAL B 138 8.05 22.60 -19.47
C VAL B 138 7.79 23.75 -20.44
N PHE B 139 6.64 24.41 -20.29
CA PHE B 139 6.27 25.56 -21.14
C PHE B 139 6.33 26.86 -20.34
N GLY B 140 6.43 26.75 -19.02
CA GLY B 140 6.36 27.91 -18.14
C GLY B 140 5.09 28.72 -18.34
N VAL B 141 3.94 28.04 -18.35
CA VAL B 141 2.63 28.69 -18.50
C VAL B 141 1.70 28.15 -17.43
N LYS B 142 1.08 29.06 -16.69
CA LYS B 142 0.16 28.69 -15.63
C LYS B 142 -1.21 28.64 -16.24
N VAL B 143 -1.73 27.44 -16.40
CA VAL B 143 -2.99 27.29 -17.11
C VAL B 143 -4.17 27.83 -16.29
N LYS B 144 -4.89 28.78 -16.87
CA LYS B 144 -6.13 29.26 -16.29
C LYS B 144 -7.22 28.23 -16.58
N ASN B 145 -8.11 28.03 -15.61
CA ASN B 145 -9.21 27.07 -15.73
C ASN B 145 -8.91 25.98 -16.76
N LEU B 146 -8.07 25.02 -16.38
CA LEU B 146 -7.70 23.90 -17.26
C LEU B 146 -8.85 22.92 -17.38
N GLU B 147 -9.09 22.47 -18.59
CA GLU B 147 -10.12 21.47 -18.80
C GLU B 147 -9.47 20.30 -19.51
N PHE B 148 -10.09 19.14 -19.39
CA PHE B 148 -9.55 17.89 -19.94
C PHE B 148 -9.62 17.87 -21.47
N GLY B 149 -8.63 17.25 -22.08
CA GLY B 149 -8.60 17.03 -23.51
C GLY B 149 -7.27 17.44 -24.12
N LEU B 150 -7.26 17.62 -25.43
CA LEU B 150 -6.09 18.11 -26.14
C LEU B 150 -5.63 19.45 -25.57
N GLN B 151 -4.33 19.67 -25.52
CA GLN B 151 -3.83 20.98 -25.10
C GLN B 151 -3.12 21.67 -26.27
N PRO B 152 -3.01 23.01 -26.23
CA PRO B 152 -2.46 23.74 -27.36
C PRO B 152 -1.08 23.27 -27.73
N HIS B 153 -0.13 23.43 -26.81
CA HIS B 153 1.31 23.23 -27.05
C HIS B 153 1.72 21.79 -27.23
N LYS B 154 2.77 21.56 -28.02
CA LYS B 154 3.24 20.21 -28.29
C LYS B 154 4.46 19.90 -27.45
N ILE B 155 4.84 18.62 -27.43
CA ILE B 155 6.02 18.19 -26.68
C ILE B 155 7.25 18.79 -27.35
N PRO B 156 8.06 19.55 -26.59
CA PRO B 156 9.17 20.33 -27.15
C PRO B 156 9.96 19.57 -28.22
N ASP B 157 10.10 20.21 -29.38
CA ASP B 157 10.83 19.67 -30.52
C ASP B 157 10.27 18.30 -30.95
N THR B 158 8.95 18.15 -30.85
CA THR B 158 8.27 16.90 -31.17
C THR B 158 6.84 17.16 -31.60
N GLU B 159 6.33 16.33 -32.52
CA GLU B 159 4.91 16.39 -32.90
C GLU B 159 4.03 15.51 -31.99
N THR B 160 4.48 15.29 -30.75
CA THR B 160 3.65 14.62 -29.77
C THR B 160 2.77 15.66 -29.08
N LEU B 161 1.46 15.43 -29.13
CA LEU B 161 0.49 16.29 -28.50
C LEU B 161 0.30 15.93 -27.02
N CYS B 162 -0.15 16.90 -26.23
CA CYS B 162 -0.46 16.73 -24.82
C CYS B 162 -1.94 16.60 -24.63
N TYR B 163 -2.39 15.43 -24.17
CA TYR B 163 -3.79 15.14 -23.89
C TYR B 163 -3.96 14.94 -22.39
N VAL B 164 -4.92 15.63 -21.76
CA VAL B 164 -5.07 15.51 -20.31
C VAL B 164 -6.31 14.71 -19.93
N MET B 165 -6.11 13.64 -19.19
CA MET B 165 -7.19 12.76 -18.78
C MET B 165 -7.36 12.90 -17.26
N PRO B 166 -8.59 12.75 -16.76
CA PRO B 166 -8.72 12.71 -15.31
C PRO B 166 -8.03 11.48 -14.74
N SER B 167 -7.37 11.64 -13.60
CA SER B 167 -6.60 10.57 -12.94
C SER B 167 -7.35 9.25 -12.78
N SER B 168 -6.71 8.17 -13.22
CA SER B 168 -7.19 6.81 -13.01
C SER B 168 -7.22 6.43 -11.52
N SER B 169 -6.37 7.07 -10.71
CA SER B 169 -6.34 6.85 -9.27
C SER B 169 -7.75 6.83 -8.71
N ALA B 170 -8.00 5.94 -7.76
CA ALA B 170 -9.34 5.84 -7.16
C ALA B 170 -9.54 6.84 -6.03
N ARG B 171 -8.98 8.03 -6.22
CA ARG B 171 -9.10 9.10 -5.24
C ARG B 171 -9.84 10.31 -5.78
N CYS B 172 -10.23 10.22 -7.04
CA CYS B 172 -10.94 11.29 -7.71
C CYS B 172 -12.44 11.06 -7.59
N ALA B 173 -13.11 12.05 -6.98
CA ALA B 173 -14.55 12.02 -6.72
C ALA B 173 -15.38 12.77 -7.75
N GLN B 174 -14.73 13.68 -8.48
CA GLN B 174 -15.29 14.19 -9.72
C GLN B 174 -15.44 13.00 -10.65
N PHE B 175 -14.55 12.01 -10.45
CA PHE B 175 -14.49 10.78 -11.22
C PHE B 175 -14.69 9.54 -10.32
N PRO B 176 -15.84 9.47 -9.61
CA PRO B 176 -16.02 8.48 -8.56
C PRO B 176 -15.97 7.03 -9.05
N ARG B 177 -16.48 6.77 -10.25
CA ARG B 177 -16.47 5.44 -10.84
C ARG B 177 -15.61 5.51 -12.10
N ALA B 178 -15.29 4.34 -12.65
CA ALA B 178 -14.71 4.23 -13.99
C ALA B 178 -15.81 4.35 -15.07
N GLN B 179 -17.06 4.31 -14.61
CA GLN B 179 -18.22 4.59 -15.45
C GLN B 179 -18.34 6.11 -15.68
N ASP B 180 -17.87 6.88 -14.70
CA ASP B 180 -17.89 8.34 -14.74
C ASP B 180 -16.86 8.96 -15.71
N LYS B 181 -15.65 8.40 -15.75
CA LYS B 181 -14.51 8.91 -16.52
C LYS B 181 -14.15 8.09 -17.77
N VAL B 182 -15.13 7.41 -18.38
CA VAL B 182 -14.85 6.63 -19.59
C VAL B 182 -14.83 7.53 -20.81
N HIS B 183 -15.67 8.58 -20.79
CA HIS B 183 -15.84 9.45 -21.96
C HIS B 183 -14.54 9.88 -22.60
N TYR B 184 -13.68 10.51 -21.79
CA TYR B 184 -12.36 10.95 -22.21
C TYR B 184 -11.53 9.89 -22.94
N TYR B 185 -11.71 8.61 -22.57
CA TYR B 185 -11.04 7.46 -23.22
C TYR B 185 -11.60 7.19 -24.62
N ILE B 186 -12.93 7.25 -24.72
CA ILE B 186 -13.59 7.21 -26.00
C ILE B 186 -12.98 8.32 -26.85
N LYS B 187 -13.10 9.56 -26.37
CA LYS B 187 -12.53 10.73 -27.08
C LYS B 187 -11.03 10.56 -27.36
N LEU B 188 -10.30 9.95 -26.42
CA LEU B 188 -8.89 9.63 -26.67
C LEU B 188 -8.75 8.73 -27.87
N LYS B 189 -9.56 7.67 -27.91
CA LYS B 189 -9.50 6.72 -29.02
C LYS B 189 -9.67 7.47 -30.34
N ASP B 190 -10.77 8.23 -30.42
CA ASP B 190 -11.07 9.05 -31.59
C ASP B 190 -9.83 9.81 -32.04
N LEU B 191 -9.20 10.54 -31.13
CA LEU B 191 -8.04 11.37 -31.49
C LEU B 191 -6.95 10.55 -32.15
N ARG B 192 -6.71 9.33 -31.64
CA ARG B 192 -5.70 8.44 -32.24
C ARG B 192 -6.09 8.15 -33.68
N ASP B 193 -7.31 7.67 -33.86
CA ASP B 193 -7.91 7.48 -35.18
C ASP B 193 -7.71 8.70 -36.09
N GLN B 194 -8.20 9.87 -35.65
CA GLN B 194 -8.03 11.12 -36.41
C GLN B 194 -6.55 11.32 -36.80
N LEU B 195 -5.65 11.05 -35.87
CA LEU B 195 -4.22 11.20 -36.13
C LEU B 195 -3.69 10.17 -37.11
N LYS B 196 -4.34 9.01 -37.16
CA LYS B 196 -3.94 7.95 -38.09
C LYS B 196 -4.35 8.33 -39.51
N GLY B 197 -5.51 8.97 -39.64
CA GLY B 197 -5.99 9.47 -40.94
C GLY B 197 -5.04 10.44 -41.65
N ILE B 198 -4.40 11.32 -40.89
CA ILE B 198 -3.49 12.34 -41.44
C ILE B 198 -2.17 11.80 -42.03
N GLU B 199 -2.11 10.48 -42.22
CA GLU B 199 -0.99 9.80 -42.90
C GLU B 199 -1.32 9.56 -44.37
N ARG B 200 -2.38 10.21 -44.84
CA ARG B 200 -2.90 10.05 -46.21
C ARG B 200 -3.26 11.40 -46.80
#